data_6WQW
#
_entry.id   6WQW
#
_cell.length_a   81.264
_cell.length_b   81.264
_cell.length_c   92.363
_cell.angle_alpha   90.000
_cell.angle_beta   90.000
_cell.angle_gamma   90.000
#
_symmetry.space_group_name_H-M   'P 43 21 2'
#
loop_
_entity.id
_entity.type
_entity.pdbx_description
1 polymer Beta-xylanase
2 non-polymer beta-D-xylopyranose
3 water water
#
_entity_poly.entity_id   1
_entity_poly.type   'polypeptide(L)'
_entity_poly.pdbx_seq_one_letter_code
;MAELKLWEVFKDDFDIGAAVNVRTVDSAAELLRAQYNSITAENEMKPINTQPSEGVFTFEQADKIADFAAKHGKKLRGHT
LVWHNQTPDWFFEAPGGGPAGKETLLRRMRDHIHAVAGRYKGRTYCWDVVNEAVADEGEQWLRASKWHDMVGPEFIVRAF
EYAHEADPDALLFYNDYNECNPAKRDKIIRLVKWLKEQGAPIHGIGMQGHYNLASPSIAEVREAIEKYAELGLVIHVTEL
DMSVYAWDDRRTDLLEPTAEMVERQAELYEQLFSLYREYRDVIRSVTFWGAADDYTWLSYFPVRGRRNWPLLFDAQHRPK
EAFRRVVRTAGAEA
;
_entity_poly.pdbx_strand_id   A
#
# COMPACT_ATOMS: atom_id res chain seq x y z
N LEU A 4 7.86 -18.12 15.63
CA LEU A 4 7.60 -18.17 14.20
C LEU A 4 7.39 -16.75 13.65
N LYS A 5 7.86 -16.52 12.43
CA LYS A 5 7.90 -15.19 11.83
C LYS A 5 7.13 -15.19 10.52
N LEU A 6 6.25 -14.20 10.37
CA LEU A 6 5.37 -14.13 9.21
C LEU A 6 6.15 -14.14 7.90
N TRP A 7 7.14 -13.24 7.78
CA TRP A 7 7.89 -13.13 6.54
C TRP A 7 8.53 -14.45 6.16
N GLU A 8 9.13 -15.15 7.14
CA GLU A 8 9.80 -16.41 6.84
C GLU A 8 8.81 -17.46 6.37
N VAL A 9 7.57 -17.43 6.87
CA VAL A 9 6.58 -18.42 6.49
C VAL A 9 6.23 -18.27 5.01
N PHE A 10 6.18 -17.04 4.51
CA PHE A 10 5.80 -16.77 3.12
C PHE A 10 6.97 -16.26 2.29
N LYS A 11 8.21 -16.50 2.72
CA LYS A 11 9.36 -15.85 2.08
C LYS A 11 9.52 -16.27 0.62
N ASP A 12 9.10 -17.49 0.27
CA ASP A 12 9.14 -17.94 -1.11
C ASP A 12 7.82 -17.72 -1.84
N ASP A 13 6.84 -17.12 -1.19
CA ASP A 13 5.57 -16.76 -1.82
C ASP A 13 5.51 -15.28 -2.19
N PHE A 14 5.77 -14.40 -1.22
CA PHE A 14 5.75 -12.95 -1.43
C PHE A 14 6.31 -12.29 -0.18
N ASP A 15 6.71 -11.03 -0.32
CA ASP A 15 7.12 -10.25 0.84
C ASP A 15 5.94 -10.09 1.79
N ILE A 16 6.25 -9.88 3.07
CA ILE A 16 5.25 -9.55 4.08
C ILE A 16 5.63 -8.17 4.62
N GLY A 17 4.88 -7.16 4.21
CA GLY A 17 5.24 -5.79 4.55
C GLY A 17 4.32 -5.11 5.55
N ALA A 18 4.77 -3.99 6.10
CA ALA A 18 3.97 -3.20 7.03
C ALA A 18 4.20 -1.72 6.77
N ALA A 19 3.13 -0.95 6.82
CA ALA A 19 3.24 0.50 6.76
C ALA A 19 3.68 1.04 8.11
N VAL A 20 4.60 2.00 8.10
CA VAL A 20 5.09 2.61 9.32
C VAL A 20 5.13 4.12 9.15
N ASN A 21 5.12 4.81 10.29
CA ASN A 21 5.30 6.25 10.35
C ASN A 21 6.44 6.55 11.33
N VAL A 22 6.69 7.84 11.55
CA VAL A 22 7.81 8.24 12.42
C VAL A 22 7.60 7.78 13.86
N ARG A 23 6.38 7.42 14.24
CA ARG A 23 6.10 6.91 15.58
C ARG A 23 6.21 5.39 15.63
N THR A 24 5.43 4.70 14.79
CA THR A 24 5.37 3.24 14.85
C THR A 24 6.68 2.58 14.43
N VAL A 25 7.54 3.28 13.69
CA VAL A 25 8.84 2.73 13.37
C VAL A 25 9.70 2.56 14.62
N ASP A 26 9.35 3.26 15.70
CA ASP A 26 10.00 3.11 16.99
C ASP A 26 9.20 2.24 17.95
N SER A 27 7.88 2.48 18.04
CA SER A 27 7.06 1.74 18.99
C SER A 27 6.88 0.28 18.60
N ALA A 28 6.91 -0.01 17.30
CA ALA A 28 6.80 -1.38 16.80
C ALA A 28 8.13 -1.91 16.28
N ALA A 29 9.24 -1.41 16.84
CA ALA A 29 10.56 -1.75 16.32
C ALA A 29 10.83 -3.25 16.41
N GLU A 30 10.53 -3.86 17.56
CA GLU A 30 10.79 -5.28 17.73
C GLU A 30 9.88 -6.13 16.85
N LEU A 31 8.62 -5.73 16.72
CA LEU A 31 7.68 -6.47 15.87
C LEU A 31 8.08 -6.38 14.41
N LEU A 32 8.48 -5.19 13.95
CA LEU A 32 8.87 -5.02 12.56
C LEU A 32 10.14 -5.82 12.24
N ARG A 33 11.10 -5.83 13.17
CA ARG A 33 12.34 -6.54 12.94
C ARG A 33 12.12 -8.04 12.80
N ALA A 34 11.09 -8.57 13.45
CA ALA A 34 10.87 -10.02 13.52
C ALA A 34 9.88 -10.53 12.48
N GLN A 35 8.77 -9.82 12.26
CA GLN A 35 7.65 -10.39 11.52
C GLN A 35 7.51 -9.88 10.09
N TYR A 36 8.08 -8.73 9.75
CA TYR A 36 7.96 -8.18 8.41
C TYR A 36 9.34 -8.10 7.76
N ASN A 37 9.37 -8.24 6.44
CA ASN A 37 10.58 -8.05 5.66
C ASN A 37 10.48 -6.89 4.67
N SER A 38 9.37 -6.15 4.70
CA SER A 38 9.16 -5.01 3.83
C SER A 38 8.51 -3.91 4.63
N ILE A 39 8.89 -2.67 4.34
CA ILE A 39 8.37 -1.50 5.04
C ILE A 39 7.92 -0.48 4.01
N THR A 40 6.82 0.21 4.31
CA THR A 40 6.34 1.32 3.51
C THR A 40 6.08 2.51 4.42
N ALA A 41 6.53 3.69 3.98
CA ALA A 41 6.24 4.92 4.71
C ALA A 41 4.77 5.29 4.54
N GLU A 42 4.07 5.46 5.66
CA GLU A 42 2.63 5.69 5.61
C GLU A 42 2.30 7.06 5.01
N ASN A 43 3.01 8.10 5.45
CA ASN A 43 2.76 9.45 4.98
C ASN A 43 4.02 10.24 4.66
N GLU A 44 5.19 9.78 5.09
CA GLU A 44 6.38 10.62 5.10
C GLU A 44 6.99 10.81 3.72
N MET A 45 6.66 9.96 2.75
CA MET A 45 7.16 10.10 1.38
C MET A 45 6.11 10.67 0.44
N LYS A 46 5.00 11.18 0.97
CA LYS A 46 3.97 11.80 0.16
C LYS A 46 4.39 13.20 -0.28
N PRO A 47 3.75 13.75 -1.32
CA PRO A 47 4.22 15.05 -1.85
C PRO A 47 4.26 16.19 -0.83
N ILE A 48 3.19 16.40 -0.05
CA ILE A 48 3.20 17.52 0.88
C ILE A 48 4.23 17.33 1.99
N ASN A 49 4.60 16.08 2.29
CA ASN A 49 5.58 15.82 3.33
C ASN A 49 7.02 15.83 2.81
N THR A 50 7.21 15.83 1.49
CA THR A 50 8.54 15.84 0.89
C THR A 50 8.91 17.18 0.27
N GLN A 51 7.97 17.90 -0.34
CA GLN A 51 8.22 19.22 -0.91
C GLN A 51 7.10 20.16 -0.51
N PRO A 52 7.20 20.78 0.67
CA PRO A 52 6.13 21.69 1.11
C PRO A 52 5.95 22.91 0.22
N SER A 53 7.04 23.43 -0.35
CA SER A 53 6.97 24.52 -1.32
C SER A 53 7.97 24.22 -2.43
N GLU A 54 7.85 24.95 -3.54
CA GLU A 54 8.68 24.67 -4.70
C GLU A 54 10.16 24.91 -4.38
N GLY A 55 10.96 23.87 -4.54
CA GLY A 55 12.39 23.96 -4.29
C GLY A 55 12.80 23.72 -2.86
N VAL A 56 11.87 23.45 -1.96
CA VAL A 56 12.16 23.19 -0.55
C VAL A 56 11.75 21.76 -0.26
N PHE A 57 12.72 20.90 0.05
CA PHE A 57 12.47 19.48 0.30
C PHE A 57 12.77 19.13 1.74
N THR A 58 11.87 18.37 2.34
CA THR A 58 11.97 17.95 3.75
C THR A 58 11.98 16.43 3.78
N PHE A 59 13.17 15.84 3.91
CA PHE A 59 13.33 14.40 3.87
C PHE A 59 13.55 13.78 5.25
N GLU A 60 13.62 14.60 6.30
CA GLU A 60 13.98 14.10 7.63
C GLU A 60 13.13 12.91 8.05
N GLN A 61 11.81 13.06 7.94
CA GLN A 61 10.92 12.01 8.44
C GLN A 61 10.97 10.77 7.56
N ALA A 62 11.04 10.95 6.24
CA ALA A 62 11.17 9.79 5.36
C ALA A 62 12.55 9.15 5.47
N ASP A 63 13.59 9.96 5.74
CA ASP A 63 14.92 9.40 5.96
C ASP A 63 14.93 8.45 7.16
N LYS A 64 14.20 8.80 8.21
CA LYS A 64 14.14 7.95 9.40
C LYS A 64 13.57 6.59 9.06
N ILE A 65 12.46 6.55 8.32
CA ILE A 65 11.85 5.29 7.95
C ILE A 65 12.75 4.51 7.00
N ALA A 66 13.37 5.19 6.04
CA ALA A 66 14.28 4.51 5.11
C ALA A 66 15.50 3.97 5.83
N ASP A 67 16.03 4.74 6.80
CA ASP A 67 17.19 4.27 7.55
C ASP A 67 16.87 3.03 8.36
N PHE A 68 15.66 2.96 8.93
CA PHE A 68 15.24 1.77 9.65
C PHE A 68 15.26 0.54 8.74
N ALA A 69 14.73 0.68 7.52
CA ALA A 69 14.70 -0.44 6.60
C ALA A 69 16.11 -0.88 6.20
N ALA A 70 16.98 0.08 5.89
CA ALA A 70 18.35 -0.25 5.51
C ALA A 70 19.12 -0.87 6.67
N LYS A 71 18.84 -0.46 7.90
CA LYS A 71 19.58 -0.95 9.06
C LYS A 71 19.29 -2.43 9.32
N HIS A 72 18.03 -2.82 9.17
CA HIS A 72 17.60 -4.17 9.53
C HIS A 72 17.30 -5.03 8.31
N GLY A 73 17.82 -4.64 7.15
CA GLY A 73 17.67 -5.46 5.96
C GLY A 73 16.23 -5.67 5.52
N LYS A 74 15.40 -4.64 5.65
CA LYS A 74 14.02 -4.69 5.19
C LYS A 74 13.92 -4.09 3.80
N LYS A 75 13.05 -4.66 2.97
CA LYS A 75 12.74 -4.06 1.69
C LYS A 75 11.90 -2.80 1.93
N LEU A 76 11.92 -1.90 0.95
CA LEU A 76 11.32 -0.58 1.11
C LEU A 76 10.49 -0.25 -0.12
N ARG A 77 9.17 -0.15 0.06
CA ARG A 77 8.28 0.33 -0.98
C ARG A 77 8.20 1.85 -0.92
N GLY A 78 8.18 2.48 -2.11
CA GLY A 78 8.04 3.91 -2.20
C GLY A 78 6.59 4.31 -2.41
N HIS A 79 6.10 5.22 -1.57
CA HIS A 79 4.70 5.63 -1.60
C HIS A 79 4.61 7.05 -1.06
N THR A 80 4.17 8.00 -1.88
CA THR A 80 3.82 7.80 -3.29
C THR A 80 4.23 9.07 -4.04
N LEU A 81 4.45 8.95 -5.35
CA LEU A 81 5.01 10.08 -6.10
C LEU A 81 3.93 11.08 -6.52
N VAL A 82 2.80 10.59 -7.04
CA VAL A 82 1.70 11.44 -7.50
C VAL A 82 0.41 10.96 -6.87
N TRP A 83 -0.36 11.88 -6.27
CA TRP A 83 -1.61 11.57 -5.58
C TRP A 83 -2.55 12.77 -5.72
N HIS A 84 -3.79 12.52 -6.14
CA HIS A 84 -4.74 13.59 -6.36
C HIS A 84 -5.10 14.29 -5.05
N ASN A 85 -5.35 13.53 -3.99
CA ASN A 85 -5.96 14.11 -2.81
C ASN A 85 -4.98 15.01 -2.05
N GLN A 86 -3.71 14.62 -2.03
CA GLN A 86 -2.71 15.34 -1.26
C GLN A 86 -1.65 15.97 -2.16
N THR A 87 -2.09 16.78 -3.11
CA THR A 87 -1.12 17.55 -3.88
C THR A 87 -1.07 18.97 -3.32
N PRO A 88 0.12 19.51 -3.06
CA PRO A 88 0.22 20.86 -2.50
C PRO A 88 -0.51 21.88 -3.35
N ASP A 89 -0.99 22.94 -2.69
CA ASP A 89 -1.68 24.00 -3.40
C ASP A 89 -0.75 24.76 -4.34
N TRP A 90 0.52 24.90 -3.96
CA TRP A 90 1.47 25.63 -4.80
C TRP A 90 1.68 24.96 -6.15
N PHE A 91 1.45 23.65 -6.24
CA PHE A 91 1.62 22.94 -7.51
C PHE A 91 0.74 23.55 -8.60
N PHE A 92 -0.48 23.95 -8.26
CA PHE A 92 -1.41 24.51 -9.22
C PHE A 92 -1.20 26.00 -9.48
N GLU A 93 -0.30 26.65 -8.73
CA GLU A 93 -0.03 28.07 -8.94
C GLU A 93 1.24 28.27 -9.76
N GLY A 101 -0.26 26.76 -16.00
CA GLY A 101 -0.08 26.14 -17.29
C GLY A 101 0.17 24.65 -17.20
N LYS A 102 -0.32 23.91 -18.20
CA LYS A 102 -0.18 22.46 -18.19
C LYS A 102 1.27 22.02 -18.30
N GLU A 103 2.11 22.82 -18.98
CA GLU A 103 3.52 22.45 -19.11
C GLU A 103 4.29 22.72 -17.82
N THR A 104 3.96 23.80 -17.12
CA THR A 104 4.56 24.04 -15.81
C THR A 104 4.20 22.93 -14.83
N LEU A 105 2.99 22.38 -14.95
CA LEU A 105 2.62 21.21 -14.14
C LEU A 105 3.49 20.01 -14.46
N LEU A 106 3.72 19.76 -15.75
CA LEU A 106 4.61 18.67 -16.15
C LEU A 106 6.02 18.90 -15.62
N ARG A 107 6.51 20.13 -15.71
CA ARG A 107 7.85 20.44 -15.24
C ARG A 107 7.97 20.22 -13.73
N ARG A 108 6.99 20.69 -12.96
CA ARG A 108 7.04 20.49 -11.52
C ARG A 108 6.89 19.03 -11.15
N MET A 109 6.10 18.27 -11.91
CA MET A 109 5.98 16.84 -11.64
C MET A 109 7.31 16.11 -11.90
N ARG A 110 8.00 16.49 -12.97
CA ARG A 110 9.30 15.88 -13.27
C ARG A 110 10.33 16.24 -12.20
N ASP A 111 10.33 17.49 -11.75
CA ASP A 111 11.29 17.90 -10.74
C ASP A 111 11.06 17.17 -9.41
N HIS A 112 9.80 17.06 -9.00
CA HIS A 112 9.50 16.39 -7.73
C HIS A 112 9.86 14.91 -7.80
N ILE A 113 9.50 14.24 -8.90
CA ILE A 113 9.76 12.81 -9.03
C ILE A 113 11.27 12.54 -8.97
N HIS A 114 12.06 13.35 -9.67
CA HIS A 114 13.50 13.14 -9.68
C HIS A 114 14.11 13.34 -8.30
N ALA A 115 13.61 14.32 -7.55
CA ALA A 115 14.18 14.60 -6.24
C ALA A 115 13.82 13.54 -5.22
N VAL A 116 12.58 13.05 -5.25
CA VAL A 116 12.15 12.07 -4.26
C VAL A 116 12.61 10.67 -4.64
N ALA A 117 12.40 10.27 -5.90
CA ALA A 117 12.87 8.96 -6.34
C ALA A 117 14.38 8.90 -6.38
N GLY A 118 15.05 10.03 -6.62
CA GLY A 118 16.51 10.04 -6.62
C GLY A 118 17.08 9.97 -5.22
N ARG A 119 16.44 10.65 -4.26
CA ARG A 119 16.93 10.64 -2.89
C ARG A 119 16.98 9.23 -2.32
N TYR A 120 15.98 8.41 -2.63
CA TYR A 120 15.87 7.06 -2.09
C TYR A 120 16.17 5.98 -3.12
N LYS A 121 16.78 6.36 -4.24
CA LYS A 121 17.27 5.37 -5.19
C LYS A 121 18.34 4.51 -4.54
N GLY A 122 18.25 3.21 -4.73
CA GLY A 122 19.10 2.27 -4.04
C GLY A 122 18.49 1.71 -2.77
N ARG A 123 17.40 2.30 -2.28
CA ARG A 123 16.69 1.81 -1.11
C ARG A 123 15.23 1.51 -1.41
N THR A 124 14.51 2.44 -2.04
CA THR A 124 13.17 2.15 -2.53
C THR A 124 13.29 1.30 -3.79
N TYR A 125 12.91 0.02 -3.69
CA TYR A 125 12.99 -0.87 -4.84
C TYR A 125 11.78 -0.75 -5.75
N CYS A 126 10.71 -0.08 -5.32
CA CYS A 126 9.54 0.12 -6.15
C CYS A 126 8.95 1.48 -5.82
N TRP A 127 7.92 1.86 -6.58
CA TRP A 127 7.24 3.13 -6.35
C TRP A 127 5.79 3.01 -6.75
N ASP A 128 4.90 3.44 -5.86
CA ASP A 128 3.55 3.81 -6.27
C ASP A 128 3.66 5.15 -6.99
N VAL A 129 3.78 5.10 -8.32
CA VAL A 129 4.04 6.33 -9.08
C VAL A 129 2.81 7.22 -9.09
N VAL A 130 1.66 6.65 -9.45
CA VAL A 130 0.39 7.37 -9.47
C VAL A 130 -0.56 6.66 -8.52
N ASN A 131 -1.15 7.41 -7.60
CA ASN A 131 -2.01 6.87 -6.56
C ASN A 131 -3.43 7.38 -6.75
N GLU A 132 -4.36 6.46 -6.98
CA GLU A 132 -5.80 6.75 -6.96
C GLU A 132 -6.18 7.84 -7.97
N ALA A 133 -6.00 7.52 -9.24
CA ALA A 133 -6.42 8.42 -10.31
C ALA A 133 -7.84 8.17 -10.78
N VAL A 134 -8.37 6.97 -10.55
CA VAL A 134 -9.73 6.64 -10.98
C VAL A 134 -10.72 7.17 -9.96
N ALA A 135 -11.69 7.95 -10.43
CA ALA A 135 -12.69 8.52 -9.54
C ALA A 135 -13.68 7.46 -9.11
N ASP A 136 -14.05 7.50 -7.83
CA ASP A 136 -15.08 6.61 -7.31
C ASP A 136 -16.43 6.95 -7.93
N GLY A 152 -5.25 15.51 -18.82
CA GLY A 152 -5.93 14.59 -17.93
C GLY A 152 -5.20 13.27 -17.77
N PRO A 153 -5.47 12.32 -18.67
CA PRO A 153 -4.80 11.01 -18.58
C PRO A 153 -3.36 11.03 -19.00
N GLU A 154 -2.94 11.98 -19.84
CA GLU A 154 -1.55 12.07 -20.27
C GLU A 154 -0.60 12.34 -19.11
N PHE A 155 -1.10 12.96 -18.03
CA PHE A 155 -0.24 13.21 -16.87
C PHE A 155 0.24 11.91 -16.25
N ILE A 156 -0.55 10.85 -16.34
CA ILE A 156 -0.16 9.57 -15.74
C ILE A 156 0.95 8.92 -16.54
N VAL A 157 0.90 9.02 -17.87
CA VAL A 157 1.96 8.47 -18.71
C VAL A 157 3.30 9.14 -18.39
N ARG A 158 3.30 10.47 -18.34
CA ARG A 158 4.54 11.20 -18.10
C ARG A 158 5.07 10.97 -16.69
N ALA A 159 4.18 10.78 -15.72
CA ALA A 159 4.64 10.47 -14.37
C ALA A 159 5.44 9.17 -14.35
N PHE A 160 4.96 8.15 -15.06
CA PHE A 160 5.72 6.90 -15.18
C PHE A 160 7.01 7.12 -15.95
N GLU A 161 6.99 7.99 -16.96
CA GLU A 161 8.20 8.26 -17.74
C GLU A 161 9.24 8.97 -16.90
N TYR A 162 8.82 10.00 -16.14
CA TYR A 162 9.75 10.70 -15.27
C TYR A 162 10.28 9.79 -14.17
N ALA A 163 9.46 8.85 -13.69
CA ALA A 163 9.90 7.94 -12.65
C ALA A 163 10.95 6.96 -13.17
N HIS A 164 10.69 6.35 -14.33
CA HIS A 164 11.68 5.48 -14.95
C HIS A 164 12.94 6.25 -15.33
N GLU A 165 12.79 7.53 -15.67
CA GLU A 165 13.95 8.37 -15.94
C GLU A 165 14.77 8.62 -14.67
N ALA A 166 14.09 8.83 -13.55
CA ALA A 166 14.79 9.11 -12.30
C ALA A 166 15.41 7.85 -11.70
N ASP A 167 14.76 6.71 -11.87
CA ASP A 167 15.25 5.44 -11.32
C ASP A 167 14.91 4.33 -12.30
N PRO A 168 15.82 4.01 -13.22
CA PRO A 168 15.55 2.93 -14.18
C PRO A 168 15.52 1.54 -13.57
N ASP A 169 15.87 1.39 -12.30
CA ASP A 169 15.91 0.07 -11.66
C ASP A 169 14.67 -0.23 -10.83
N ALA A 170 13.85 0.78 -10.51
CA ALA A 170 12.69 0.56 -9.66
C ALA A 170 11.50 0.06 -10.47
N LEU A 171 10.69 -0.77 -9.82
CA LEU A 171 9.44 -1.24 -10.42
C LEU A 171 8.35 -0.20 -10.18
N LEU A 172 7.63 0.16 -11.25
CA LEU A 172 6.71 1.28 -11.23
C LEU A 172 5.28 0.76 -11.17
N PHE A 173 4.53 1.21 -10.17
CA PHE A 173 3.20 0.68 -9.88
C PHE A 173 2.13 1.76 -10.00
N TYR A 174 0.93 1.33 -10.37
CA TYR A 174 -0.28 2.13 -10.19
C TYR A 174 -1.06 1.54 -9.02
N ASN A 175 -1.44 2.41 -8.09
CA ASN A 175 -2.02 1.99 -6.81
C ASN A 175 -3.41 2.59 -6.64
N ASP A 176 -4.37 1.75 -6.28
CA ASP A 176 -5.75 2.21 -6.12
C ASP A 176 -6.48 1.29 -5.16
N TYR A 177 -7.60 1.79 -4.63
CA TYR A 177 -8.45 1.07 -3.69
C TYR A 177 -9.77 0.66 -4.37
N ASN A 178 -10.58 -0.08 -3.63
CA ASN A 178 -11.82 -0.67 -4.15
C ASN A 178 -11.56 -1.43 -5.46
N GLU A 179 -10.37 -2.02 -5.56
CA GLU A 179 -9.90 -2.67 -6.77
C GLU A 179 -10.70 -3.91 -7.12
N CYS A 180 -11.51 -4.43 -6.20
CA CYS A 180 -12.34 -5.60 -6.45
C CYS A 180 -13.77 -5.25 -6.79
N ASN A 181 -14.16 -4.00 -6.66
CA ASN A 181 -15.47 -3.56 -7.12
C ASN A 181 -15.51 -3.64 -8.64
N PRO A 182 -16.45 -4.39 -9.24
CA PRO A 182 -16.39 -4.62 -10.70
C PRO A 182 -16.39 -3.34 -11.52
N ALA A 183 -17.10 -2.31 -11.09
CA ALA A 183 -17.13 -1.06 -11.85
C ALA A 183 -15.76 -0.38 -11.82
N LYS A 184 -15.23 -0.14 -10.63
CA LYS A 184 -13.93 0.52 -10.53
C LYS A 184 -12.80 -0.36 -11.04
N ARG A 185 -12.94 -1.69 -10.89
CA ARG A 185 -11.91 -2.59 -11.39
C ARG A 185 -11.75 -2.48 -12.90
N ASP A 186 -12.88 -2.42 -13.63
CA ASP A 186 -12.81 -2.32 -15.09
C ASP A 186 -12.20 -1.01 -15.53
N LYS A 187 -12.50 0.09 -14.81
CA LYS A 187 -11.86 1.36 -15.11
C LYS A 187 -10.36 1.29 -14.90
N ILE A 188 -9.93 0.64 -13.82
CA ILE A 188 -8.50 0.50 -13.55
C ILE A 188 -7.84 -0.29 -14.67
N ILE A 189 -8.45 -1.40 -15.08
CA ILE A 189 -7.89 -2.22 -16.15
C ILE A 189 -7.81 -1.43 -17.45
N ARG A 190 -8.87 -0.66 -17.75
CA ARG A 190 -8.85 0.18 -18.95
C ARG A 190 -7.73 1.21 -18.87
N LEU A 191 -7.52 1.80 -17.70
CA LEU A 191 -6.47 2.80 -17.54
C LEU A 191 -5.09 2.18 -17.76
N VAL A 192 -4.85 1.00 -17.18
CA VAL A 192 -3.53 0.40 -17.25
C VAL A 192 -3.22 -0.05 -18.67
N LYS A 193 -4.19 -0.67 -19.35
CA LYS A 193 -3.98 -1.10 -20.73
C LYS A 193 -3.70 0.09 -21.64
N TRP A 194 -4.42 1.20 -21.45
CA TRP A 194 -4.16 2.40 -22.22
C TRP A 194 -2.76 2.94 -21.93
N LEU A 195 -2.36 2.93 -20.65
CA LEU A 195 -1.01 3.33 -20.30
C LEU A 195 0.03 2.45 -20.99
N LYS A 196 -0.22 1.13 -21.02
CA LYS A 196 0.69 0.22 -21.71
C LYS A 196 0.71 0.49 -23.21
N GLU A 197 -0.40 0.94 -23.78
CA GLU A 197 -0.47 1.21 -25.21
C GLU A 197 0.15 2.54 -25.60
N GLN A 198 0.52 3.38 -24.64
CA GLN A 198 1.22 4.63 -24.91
C GLN A 198 2.70 4.55 -24.59
N GLY A 199 3.19 3.35 -24.23
CA GLY A 199 4.60 3.19 -23.91
C GLY A 199 4.99 3.57 -22.51
N ALA A 200 4.01 3.71 -21.60
CA ALA A 200 4.33 4.05 -20.22
C ALA A 200 5.05 2.89 -19.56
N PRO A 201 6.21 3.13 -18.92
CA PRO A 201 6.95 2.05 -18.25
C PRO A 201 6.33 1.64 -16.92
N ILE A 202 5.08 1.17 -16.99
CA ILE A 202 4.40 0.64 -15.81
C ILE A 202 4.68 -0.85 -15.72
N HIS A 203 5.09 -1.29 -14.52
CA HIS A 203 5.51 -2.68 -14.32
C HIS A 203 4.58 -3.48 -13.43
N GLY A 204 3.77 -2.82 -12.60
CA GLY A 204 2.89 -3.55 -11.70
C GLY A 204 1.67 -2.72 -11.34
N ILE A 205 0.70 -3.42 -10.74
CA ILE A 205 -0.50 -2.78 -10.21
C ILE A 205 -0.56 -3.05 -8.72
N GLY A 206 -0.98 -2.04 -7.96
CA GLY A 206 -1.08 -2.14 -6.53
C GLY A 206 -2.53 -2.30 -6.10
N MET A 207 -2.82 -3.45 -5.50
CA MET A 207 -4.12 -3.70 -4.89
C MET A 207 -4.05 -3.23 -3.44
N GLN A 208 -4.76 -2.15 -3.13
CA GLN A 208 -4.64 -1.57 -1.80
C GLN A 208 -5.17 -2.51 -0.72
N GLY A 209 -6.21 -3.28 -1.01
CA GLY A 209 -6.67 -4.28 -0.06
C GLY A 209 -7.30 -3.74 1.19
N HIS A 210 -7.98 -2.59 1.11
CA HIS A 210 -8.70 -2.02 2.24
C HIS A 210 -10.07 -2.69 2.33
N TYR A 211 -10.08 -3.87 2.93
CA TYR A 211 -11.26 -4.72 2.98
C TYR A 211 -11.93 -4.67 4.35
N ASN A 212 -13.08 -5.30 4.44
CA ASN A 212 -13.79 -5.44 5.71
C ASN A 212 -14.55 -6.77 5.70
N LEU A 213 -15.23 -7.06 6.81
CA LEU A 213 -15.90 -8.35 6.94
C LEU A 213 -17.04 -8.50 5.94
N ALA A 214 -17.75 -7.42 5.65
CA ALA A 214 -18.91 -7.51 4.77
C ALA A 214 -18.54 -7.45 3.30
N SER A 215 -17.45 -6.77 2.95
CA SER A 215 -17.07 -6.59 1.55
C SER A 215 -15.57 -6.38 1.46
N PRO A 216 -14.90 -6.92 0.43
CA PRO A 216 -15.48 -7.73 -0.65
C PRO A 216 -15.48 -9.22 -0.34
N SER A 217 -16.12 -10.01 -1.19
CA SER A 217 -16.11 -11.46 -1.05
C SER A 217 -14.81 -12.04 -1.57
N ILE A 218 -14.57 -13.31 -1.23
CA ILE A 218 -13.37 -13.99 -1.72
C ILE A 218 -13.41 -14.13 -3.23
N ALA A 219 -14.58 -14.47 -3.78
CA ALA A 219 -14.71 -14.62 -5.22
C ALA A 219 -14.47 -13.29 -5.94
N GLU A 220 -14.89 -12.19 -5.32
CA GLU A 220 -14.65 -10.88 -5.92
C GLU A 220 -13.18 -10.52 -5.93
N VAL A 221 -12.41 -11.01 -4.94
CA VAL A 221 -10.97 -10.79 -4.95
C VAL A 221 -10.29 -11.69 -5.96
N ARG A 222 -10.74 -12.94 -6.07
CA ARG A 222 -10.16 -13.85 -7.05
C ARG A 222 -10.43 -13.38 -8.47
N GLU A 223 -11.66 -12.93 -8.74
CA GLU A 223 -11.98 -12.42 -10.07
C GLU A 223 -11.14 -11.19 -10.42
N ALA A 224 -10.84 -10.36 -9.42
CA ALA A 224 -10.01 -9.18 -9.67
C ALA A 224 -8.56 -9.56 -9.90
N ILE A 225 -8.04 -10.52 -9.13
CA ILE A 225 -6.64 -10.94 -9.30
C ILE A 225 -6.43 -11.56 -10.67
N GLU A 226 -7.41 -12.33 -11.15
CA GLU A 226 -7.27 -12.95 -12.47
C GLU A 226 -7.25 -11.89 -13.57
N LYS A 227 -8.15 -10.91 -13.50
CA LYS A 227 -8.19 -9.89 -14.54
C LYS A 227 -6.99 -8.97 -14.47
N TYR A 228 -6.41 -8.78 -13.29
CA TYR A 228 -5.20 -7.97 -13.17
C TYR A 228 -3.96 -8.71 -13.65
N ALA A 229 -3.94 -10.04 -13.50
CA ALA A 229 -2.79 -10.81 -13.93
C ALA A 229 -2.72 -10.90 -15.46
N GLU A 230 -3.86 -10.77 -16.14
CA GLU A 230 -3.89 -10.86 -17.60
C GLU A 230 -3.16 -9.73 -18.29
N LEU A 231 -2.76 -8.69 -17.56
CA LEU A 231 -2.03 -7.57 -18.13
C LEU A 231 -0.52 -7.79 -18.13
N GLY A 232 -0.05 -8.91 -17.61
CA GLY A 232 1.37 -9.20 -17.60
C GLY A 232 2.19 -8.32 -16.69
N LEU A 233 1.64 -7.93 -15.55
CA LEU A 233 2.34 -7.05 -14.62
C LEU A 233 2.47 -7.72 -13.26
N VAL A 234 3.40 -7.20 -12.46
CA VAL A 234 3.54 -7.64 -11.08
C VAL A 234 2.32 -7.18 -10.28
N ILE A 235 1.94 -7.98 -9.28
CA ILE A 235 0.85 -7.64 -8.38
C ILE A 235 1.43 -7.45 -6.99
N HIS A 236 1.19 -6.28 -6.40
CA HIS A 236 1.48 -6.02 -5.00
C HIS A 236 0.17 -5.72 -4.30
N VAL A 237 -0.08 -6.42 -3.20
CA VAL A 237 -1.11 -6.02 -2.24
C VAL A 237 -0.44 -5.03 -1.29
N THR A 238 -0.83 -3.77 -1.37
CA THR A 238 0.01 -2.69 -0.85
C THR A 238 -0.40 -2.16 0.51
N GLU A 239 -1.68 -2.20 0.87
CA GLU A 239 -2.15 -1.54 2.09
C GLU A 239 -3.21 -2.38 2.79
N LEU A 240 -2.97 -3.69 2.90
CA LEU A 240 -4.01 -4.62 3.30
C LEU A 240 -4.42 -4.43 4.76
N ASP A 241 -5.71 -4.33 5.01
CA ASP A 241 -6.26 -4.46 6.35
C ASP A 241 -7.69 -4.97 6.25
N MET A 242 -8.20 -5.49 7.37
CA MET A 242 -9.51 -6.12 7.44
C MET A 242 -10.33 -5.41 8.51
N SER A 243 -11.06 -4.38 8.11
CA SER A 243 -11.88 -3.64 9.05
C SER A 243 -12.95 -4.53 9.64
N VAL A 244 -13.25 -4.32 10.93
CA VAL A 244 -14.33 -5.08 11.57
C VAL A 244 -15.69 -4.45 11.30
N TYR A 245 -15.74 -3.17 10.97
CA TYR A 245 -16.99 -2.49 10.64
C TYR A 245 -17.13 -2.39 9.13
N ALA A 246 -18.32 -2.70 8.63
CA ALA A 246 -18.66 -2.30 7.27
C ALA A 246 -18.61 -0.78 7.17
N TRP A 247 -18.39 -0.29 5.94
CA TRP A 247 -18.20 1.15 5.76
C TRP A 247 -19.39 1.94 6.27
N ASP A 248 -20.59 1.36 6.25
CA ASP A 248 -21.75 2.05 6.80
C ASP A 248 -21.67 2.15 8.32
N ASP A 249 -21.26 1.07 8.98
CA ASP A 249 -21.20 1.03 10.44
C ASP A 249 -20.27 2.11 10.97
N ARG A 250 -20.81 2.99 11.82
CA ARG A 250 -20.07 4.12 12.37
C ARG A 250 -20.22 4.22 13.89
N ARG A 251 -20.49 3.10 14.56
CA ARG A 251 -20.64 3.12 16.01
C ARG A 251 -19.28 3.31 16.67
N THR A 252 -19.30 3.89 17.87
CA THR A 252 -18.07 4.17 18.61
C THR A 252 -18.06 3.57 20.00
N ASP A 253 -18.97 2.64 20.29
CA ASP A 253 -19.14 2.10 21.63
C ASP A 253 -18.34 0.83 21.89
N LEU A 254 -17.48 0.43 20.96
CA LEU A 254 -16.73 -0.82 21.09
C LEU A 254 -15.26 -0.51 21.33
N LEU A 255 -14.75 -0.95 22.48
CA LEU A 255 -13.33 -0.82 22.80
C LEU A 255 -12.53 -2.08 22.50
N GLU A 256 -13.21 -3.19 22.19
CA GLU A 256 -12.56 -4.43 21.80
C GLU A 256 -13.46 -5.15 20.82
N PRO A 257 -12.90 -5.97 19.94
CA PRO A 257 -13.74 -6.70 18.98
C PRO A 257 -14.43 -7.89 19.62
N THR A 258 -15.61 -8.20 19.09
CA THR A 258 -16.35 -9.37 19.55
C THR A 258 -15.68 -10.65 19.07
N ALA A 259 -16.08 -11.77 19.68
CA ALA A 259 -15.49 -13.06 19.31
C ALA A 259 -15.78 -13.40 17.86
N GLU A 260 -17.02 -13.14 17.40
CA GLU A 260 -17.35 -13.41 16.01
C GLU A 260 -16.61 -12.48 15.06
N MET A 261 -16.35 -11.25 15.47
CA MET A 261 -15.53 -10.35 14.68
C MET A 261 -14.14 -10.95 14.45
N VAL A 262 -13.53 -11.46 15.52
CA VAL A 262 -12.20 -12.06 15.41
C VAL A 262 -12.25 -13.32 14.58
N GLU A 263 -13.28 -14.14 14.77
CA GLU A 263 -13.38 -15.41 14.04
C GLU A 263 -13.58 -15.17 12.55
N ARG A 264 -14.52 -14.29 12.19
CA ARG A 264 -14.76 -14.02 10.79
C ARG A 264 -13.58 -13.31 10.13
N GLN A 265 -12.87 -12.48 10.88
CA GLN A 265 -11.66 -11.85 10.36
C GLN A 265 -10.58 -12.90 10.10
N ALA A 266 -10.42 -13.85 11.03
CA ALA A 266 -9.42 -14.90 10.86
C ALA A 266 -9.77 -15.81 9.68
N GLU A 267 -11.07 -16.05 9.46
CA GLU A 267 -11.47 -16.91 8.35
C GLU A 267 -11.22 -16.22 7.01
N LEU A 268 -11.54 -14.92 6.91
CA LEU A 268 -11.32 -14.19 5.66
C LEU A 268 -9.83 -14.03 5.37
N TYR A 269 -9.02 -13.79 6.42
CA TYR A 269 -7.58 -13.69 6.22
C TYR A 269 -6.99 -15.01 5.76
N GLU A 270 -7.48 -16.12 6.32
CA GLU A 270 -7.01 -17.44 5.91
C GLU A 270 -7.33 -17.72 4.44
N GLN A 271 -8.55 -17.36 4.02
CA GLN A 271 -8.92 -17.54 2.62
C GLN A 271 -8.18 -16.56 1.71
N LEU A 272 -7.89 -15.36 2.20
CA LEU A 272 -7.16 -14.39 1.39
C LEU A 272 -5.73 -14.86 1.13
N PHE A 273 -5.04 -15.34 2.17
CA PHE A 273 -3.66 -15.76 2.00
C PHE A 273 -3.55 -17.10 1.29
N SER A 274 -4.58 -17.95 1.40
CA SER A 274 -4.63 -19.14 0.57
C SER A 274 -4.81 -18.77 -0.90
N LEU A 275 -5.61 -17.74 -1.16
CA LEU A 275 -5.79 -17.27 -2.53
C LEU A 275 -4.52 -16.60 -3.05
N TYR A 276 -3.84 -15.83 -2.19
CA TYR A 276 -2.58 -15.20 -2.60
C TYR A 276 -1.53 -16.24 -2.95
N ARG A 277 -1.49 -17.35 -2.19
CA ARG A 277 -0.53 -18.41 -2.50
C ARG A 277 -0.86 -19.10 -3.81
N GLU A 278 -2.13 -19.18 -4.17
CA GLU A 278 -2.52 -19.71 -5.47
C GLU A 278 -1.88 -18.89 -6.59
N TYR A 279 -1.84 -17.57 -6.43
CA TYR A 279 -1.24 -16.66 -7.40
C TYR A 279 0.17 -16.26 -7.01
N ARG A 280 0.89 -17.17 -6.37
CA ARG A 280 2.31 -17.08 -6.04
C ARG A 280 3.13 -16.47 -7.17
N ASP A 281 2.87 -16.90 -8.40
CA ASP A 281 3.71 -16.53 -9.53
C ASP A 281 3.52 -15.08 -9.96
N VAL A 282 2.41 -14.44 -9.58
CA VAL A 282 2.15 -13.07 -9.99
C VAL A 282 2.19 -12.09 -8.81
N ILE A 283 1.85 -12.54 -7.60
CA ILE A 283 1.91 -11.69 -6.42
C ILE A 283 3.31 -11.80 -5.81
N ARG A 284 3.99 -10.65 -5.69
CA ARG A 284 5.36 -10.64 -5.19
C ARG A 284 5.51 -9.99 -3.82
N SER A 285 4.49 -9.30 -3.33
CA SER A 285 4.59 -8.65 -2.03
C SER A 285 3.19 -8.33 -1.51
N VAL A 286 2.98 -8.59 -0.22
CA VAL A 286 1.73 -8.27 0.46
C VAL A 286 2.09 -7.41 1.67
N THR A 287 1.66 -6.15 1.65
CA THR A 287 1.96 -5.20 2.71
C THR A 287 0.66 -4.83 3.44
N PHE A 288 0.70 -4.90 4.76
CA PHE A 288 -0.40 -4.41 5.59
C PHE A 288 -0.25 -2.92 5.83
N TRP A 289 -1.37 -2.21 5.88
CA TRP A 289 -1.35 -0.78 6.17
C TRP A 289 -1.30 -0.58 7.69
N GLY A 290 -0.16 -0.97 8.26
CA GLY A 290 0.05 -0.93 9.69
C GLY A 290 0.87 -2.13 10.14
N ALA A 291 1.40 -2.07 11.37
CA ALA A 291 2.15 -3.17 11.93
C ALA A 291 1.34 -3.97 12.94
N ALA A 292 0.54 -3.30 13.76
CA ALA A 292 -0.28 -3.96 14.77
C ALA A 292 -1.48 -3.07 15.07
N ASP A 293 -2.46 -3.65 15.77
CA ASP A 293 -3.72 -2.97 16.02
C ASP A 293 -3.57 -1.73 16.90
N ASP A 294 -2.40 -1.52 17.52
CA ASP A 294 -2.24 -0.36 18.40
C ASP A 294 -2.21 0.95 17.62
N TYR A 295 -1.95 0.91 16.31
CA TYR A 295 -2.15 2.09 15.46
C TYR A 295 -2.64 1.61 14.10
N THR A 296 -3.81 2.10 13.69
CA THR A 296 -4.33 1.88 12.36
C THR A 296 -5.01 3.16 11.90
N TRP A 297 -4.83 3.49 10.62
CA TRP A 297 -5.50 4.66 10.06
C TRP A 297 -7.01 4.54 10.14
N LEU A 298 -7.53 3.32 10.21
CA LEU A 298 -8.98 3.12 10.34
C LEU A 298 -9.52 3.63 11.66
N SER A 299 -8.66 3.89 12.64
CA SER A 299 -9.09 4.48 13.90
C SER A 299 -9.45 5.96 13.76
N TYR A 300 -9.15 6.57 12.63
CA TYR A 300 -9.44 7.98 12.41
C TYR A 300 -10.20 8.25 11.12
N PHE A 301 -10.41 7.25 10.27
CA PHE A 301 -11.16 7.38 9.04
C PHE A 301 -12.01 6.13 8.88
N PRO A 302 -13.30 6.27 8.53
CA PRO A 302 -14.00 7.54 8.34
C PRO A 302 -14.40 8.20 9.65
N VAL A 303 -14.58 7.40 10.69
CA VAL A 303 -14.98 7.92 12.00
C VAL A 303 -13.73 8.25 12.80
N ARG A 304 -13.59 9.52 13.18
CA ARG A 304 -12.48 9.92 14.03
C ARG A 304 -12.73 9.46 15.47
N GLY A 305 -11.64 9.16 16.17
CA GLY A 305 -11.74 8.75 17.55
C GLY A 305 -12.30 7.37 17.79
N ARG A 306 -12.55 6.60 16.74
CA ARG A 306 -13.06 5.24 16.85
C ARG A 306 -11.91 4.24 16.91
N ARG A 307 -12.19 3.05 17.39
CA ARG A 307 -11.20 1.98 17.47
C ARG A 307 -11.51 0.89 16.46
N ASN A 308 -10.46 0.34 15.87
CA ASN A 308 -10.57 -0.76 14.92
C ASN A 308 -9.40 -1.71 15.15
N TRP A 309 -9.59 -2.96 14.72
CA TRP A 309 -8.64 -4.04 14.98
C TRP A 309 -8.45 -4.86 13.72
N PRO A 310 -7.70 -4.33 12.73
CA PRO A 310 -7.74 -4.90 11.39
C PRO A 310 -6.52 -5.71 10.97
N LEU A 311 -5.54 -5.90 11.84
CA LEU A 311 -4.27 -6.49 11.44
C LEU A 311 -4.13 -7.91 11.99
N LEU A 312 -2.91 -8.44 11.93
CA LEU A 312 -2.62 -9.80 12.41
C LEU A 312 -2.06 -9.81 13.82
N PHE A 313 -1.66 -8.66 14.37
CA PHE A 313 -1.15 -8.56 15.73
C PHE A 313 -1.96 -7.52 16.49
N ASP A 314 -2.15 -7.76 17.78
CA ASP A 314 -2.99 -6.89 18.60
C ASP A 314 -2.20 -5.68 19.07
N ALA A 315 -2.80 -4.89 19.97
CA ALA A 315 -2.19 -3.67 20.45
C ALA A 315 -0.96 -3.91 21.32
N GLN A 316 -0.66 -5.15 21.66
CA GLN A 316 0.57 -5.49 22.38
C GLN A 316 1.57 -6.21 21.49
N HIS A 317 1.34 -6.21 20.18
CA HIS A 317 2.23 -6.84 19.20
C HIS A 317 2.36 -8.34 19.43
N ARG A 318 1.30 -8.96 19.91
CA ARG A 318 1.14 -10.40 20.04
C ARG A 318 0.27 -10.94 18.91
N PRO A 319 0.55 -12.13 18.41
CA PRO A 319 -0.24 -12.66 17.29
C PRO A 319 -1.69 -12.88 17.69
N LYS A 320 -2.59 -12.59 16.75
CA LYS A 320 -4.01 -12.81 16.94
C LYS A 320 -4.41 -14.13 16.31
N GLU A 321 -5.70 -14.46 16.44
CA GLU A 321 -6.21 -15.69 15.83
C GLU A 321 -6.01 -15.69 14.33
N ALA A 322 -6.07 -14.52 13.69
CA ALA A 322 -5.82 -14.44 12.25
C ALA A 322 -4.40 -14.86 11.92
N PHE A 323 -3.43 -14.48 12.75
CA PHE A 323 -2.05 -14.93 12.56
C PHE A 323 -1.96 -16.44 12.55
N ARG A 324 -2.55 -17.09 13.56
CA ARG A 324 -2.50 -18.55 13.66
C ARG A 324 -3.10 -19.20 12.43
N ARG A 325 -4.24 -18.67 11.95
CA ARG A 325 -4.89 -19.27 10.78
C ARG A 325 -4.11 -18.97 9.50
N VAL A 326 -3.51 -17.79 9.41
CA VAL A 326 -2.82 -17.40 8.18
C VAL A 326 -1.56 -18.24 7.98
N VAL A 327 -0.78 -18.44 9.04
CA VAL A 327 0.45 -19.22 8.90
C VAL A 327 0.14 -20.69 8.64
N ARG A 328 -1.03 -21.17 9.07
CA ARG A 328 -1.42 -22.54 8.77
C ARG A 328 -1.79 -22.73 7.31
N THR A 329 -2.11 -21.64 6.59
CA THR A 329 -2.32 -21.74 5.16
C THR A 329 -1.04 -22.14 4.43
N ALA A 330 0.11 -21.76 4.98
CA ALA A 330 1.39 -22.09 4.37
C ALA A 330 2.08 -23.20 5.16
#